data_8BXY
#
_entry.id   8BXY
#
_cell.length_a   91.056
_cell.length_b   91.056
_cell.length_c   79.578
_cell.angle_alpha   90.000
_cell.angle_beta   90.000
_cell.angle_gamma   120.000
#
_symmetry.space_group_name_H-M   'P 31 2 1'
#
loop_
_entity.id
_entity.type
_entity.pdbx_description
1 polymer 'Type 1 fimbrin D-mannose specific adhesin'
2 branched alpha-D-mannopyranose-(1-3)-[alpha-D-mannopyranose-(1-6)]beta-D-mannopyranose-(1-4)-2-acetamido-2-deoxy-beta-D-glucopyranose-(1-4)-[alpha-L-fucopyranose-(1-6)]2-acetamido-2-deoxy-beta-D-glucopyranose
3 non-polymer 'NICKEL (II) ION'
4 non-polymer 'SULFATE ION'
5 water water
#
_entity_poly.entity_id   1
_entity_poly.type   'polypeptide(L)'
_entity_poly.pdbx_seq_one_letter_code
;FACKTANGTAIPIGGGSANVYVNLAPVVNVGQNLVVDLSTQIFCHNDYPETITDYVTLQRGSAYGGVLSNFSGTVKYSGS
SYPFPTTSETPRVVYNSRTDKPWPVALYLTPVSSAGGVAIKAGSLIAVLILRQTNNYNSDDFQFVWNIYANNDVVVPT
;
_entity_poly.pdbx_strand_id   A,B
#
loop_
_chem_comp.id
_chem_comp.type
_chem_comp.name
_chem_comp.formula
BMA D-saccharide, beta linking beta-D-mannopyranose 'C6 H12 O6'
FUC L-saccharide, alpha linking alpha-L-fucopyranose 'C6 H12 O5'
MAN D-saccharide, alpha linking alpha-D-mannopyranose 'C6 H12 O6'
NAG D-saccharide, beta linking 2-acetamido-2-deoxy-beta-D-glucopyranose 'C8 H15 N O6'
NI non-polymer 'NICKEL (II) ION' 'Ni 2'
SO4 non-polymer 'SULFATE ION' 'O4 S -2'
#
# COMPACT_ATOMS: atom_id res chain seq x y z
N PHE A 1 -13.20 14.06 20.39
CA PHE A 1 -12.13 13.41 19.61
C PHE A 1 -10.94 14.35 19.51
N ALA A 2 -9.75 13.84 19.91
CA ALA A 2 -8.53 14.65 19.80
C ALA A 2 -7.35 13.69 19.63
N CYS A 3 -6.21 14.26 19.29
CA CYS A 3 -5.02 13.48 18.97
C CYS A 3 -3.80 14.10 19.61
N LYS A 4 -2.77 13.28 19.77
CA LYS A 4 -1.50 13.76 20.32
C LYS A 4 -0.38 12.96 19.67
N THR A 5 0.82 13.50 19.81
CA THR A 5 2.01 12.82 19.35
C THR A 5 2.82 12.31 20.53
N ALA A 6 3.71 11.35 20.23
CA ALA A 6 4.59 10.77 21.26
C ALA A 6 5.57 11.84 21.81
N ASN A 7 5.93 12.84 20.97
CA ASN A 7 6.77 14.00 21.36
C ASN A 7 6.05 14.90 22.35
N GLY A 8 4.74 14.78 22.43
CA GLY A 8 3.94 15.60 23.31
C GLY A 8 3.10 16.67 22.59
N THR A 9 3.15 16.82 21.26
CA THR A 9 2.24 17.90 20.87
C THR A 9 0.83 17.35 20.68
N ALA A 10 -0.16 18.22 20.75
CA ALA A 10 -1.57 17.79 20.70
C ALA A 10 -2.29 18.61 19.63
N ILE A 11 -3.33 18.00 19.04
CA ILE A 11 -4.28 18.76 18.26
C ILE A 11 -5.60 18.55 18.97
N PRO A 12 -6.26 19.63 19.40
CA PRO A 12 -7.43 19.49 20.27
C PRO A 12 -8.72 19.14 19.51
N ILE A 13 -9.80 18.96 20.30
CA ILE A 13 -11.15 18.84 19.74
C ILE A 13 -11.36 19.93 18.70
N GLY A 14 -11.93 19.53 17.53
CA GLY A 14 -12.20 20.52 16.49
C GLY A 14 -11.11 20.54 15.41
N GLY A 15 -9.99 19.85 15.69
CA GLY A 15 -8.92 19.72 14.70
C GLY A 15 -7.91 20.88 14.75
N GLY A 16 -7.04 20.89 13.73
CA GLY A 16 -5.92 21.82 13.73
C GLY A 16 -4.74 21.11 13.03
N SER A 17 -3.55 21.51 13.42
CA SER A 17 -2.33 21.09 12.71
C SER A 17 -1.24 20.85 13.73
N ALA A 18 -0.31 19.99 13.35
CA ALA A 18 0.86 19.75 14.18
C ALA A 18 2.00 19.27 13.28
N ASN A 19 3.22 19.45 13.79
CA ASN A 19 4.44 19.04 13.10
C ASN A 19 4.95 17.79 13.84
N VAL A 20 5.39 16.81 13.03
CA VAL A 20 5.87 15.53 13.55
C VAL A 20 7.20 15.28 12.87
N TYR A 21 8.26 15.00 13.66
CA TYR A 21 9.58 14.64 13.12
C TYR A 21 9.71 13.13 13.15
N VAL A 22 10.32 12.58 12.07
CA VAL A 22 10.47 11.13 12.01
C VAL A 22 11.94 10.78 11.73
N ASN A 23 12.34 9.64 12.33
CA ASN A 23 13.68 9.08 12.03
C ASN A 23 13.58 8.26 10.76
N LEU A 24 14.57 8.44 9.86
CA LEU A 24 14.59 7.75 8.57
C LEU A 24 15.88 6.94 8.47
N ALA A 25 15.79 5.76 7.83
CA ALA A 25 16.98 4.98 7.56
C ALA A 25 17.93 5.91 6.81
N PRO A 26 19.22 6.06 7.22
CA PRO A 26 20.06 7.10 6.64
C PRO A 26 20.62 6.77 5.24
N VAL A 27 20.51 5.49 4.84
CA VAL A 27 20.97 5.04 3.53
C VAL A 27 19.87 4.14 2.93
N VAL A 28 19.46 4.40 1.68
CA VAL A 28 18.42 3.60 1.02
C VAL A 28 18.78 3.49 -0.47
N ASN A 29 18.72 2.24 -0.97
CA ASN A 29 19.07 1.94 -2.36
C ASN A 29 17.80 1.87 -3.22
N VAL A 30 17.94 2.09 -4.53
CA VAL A 30 16.88 1.70 -5.45
C VAL A 30 16.47 0.26 -5.12
N GLY A 31 15.15 0.03 -5.10
CA GLY A 31 14.58 -1.29 -4.85
C GLY A 31 14.28 -1.58 -3.38
N GLN A 32 14.80 -0.73 -2.47
CA GLN A 32 14.52 -0.80 -1.04
C GLN A 32 13.51 0.27 -0.66
N ASN A 33 12.77 0.02 0.43
CA ASN A 33 11.78 0.96 0.95
C ASN A 33 12.30 1.61 2.22
N LEU A 34 12.07 2.94 2.35
CA LEU A 34 12.06 3.59 3.66
C LEU A 34 10.66 3.36 4.20
N VAL A 35 10.60 2.92 5.44
CA VAL A 35 9.31 2.71 6.09
C VAL A 35 9.17 3.79 7.16
N VAL A 36 8.11 4.58 7.05
CA VAL A 36 7.82 5.66 7.98
C VAL A 36 6.48 5.31 8.64
N ASP A 37 6.60 4.68 9.83
CA ASP A 37 5.39 4.19 10.50
C ASP A 37 4.93 5.25 11.52
N LEU A 38 3.81 5.95 11.23
CA LEU A 38 3.35 7.01 12.11
C LEU A 38 2.55 6.44 13.29
N SER A 39 2.22 5.12 13.27
CA SER A 39 1.35 4.54 14.30
C SER A 39 2.03 4.50 15.66
N THR A 40 3.35 4.72 15.69
CA THR A 40 4.08 4.81 16.94
C THR A 40 4.21 6.26 17.42
N GLN A 41 3.69 7.21 16.59
CA GLN A 41 3.85 8.63 16.91
C GLN A 41 2.54 9.38 17.06
N ILE A 42 1.47 8.96 16.37
CA ILE A 42 0.20 9.71 16.38
C ILE A 42 -0.88 8.82 17.00
N PHE A 43 -1.54 9.35 18.04
CA PHE A 43 -2.55 8.61 18.79
C PHE A 43 -3.78 9.47 18.95
N CYS A 44 -4.96 8.84 18.85
N CYS A 44 -4.96 8.84 18.85
CA CYS A 44 -6.20 9.60 18.97
CA CYS A 44 -6.21 9.60 18.95
C CYS A 44 -7.17 8.85 19.88
C CYS A 44 -7.18 8.85 19.86
N HIS A 45 -8.20 9.56 20.36
CA HIS A 45 -9.24 8.93 21.18
C HIS A 45 -10.59 9.59 20.92
N ASN A 46 -11.63 8.83 21.23
CA ASN A 46 -13.02 9.28 21.26
C ASN A 46 -13.32 9.76 22.68
N ASP A 47 -13.85 10.97 22.82
CA ASP A 47 -14.14 11.57 24.11
C ASP A 47 -15.47 11.13 24.76
N TYR A 48 -16.40 10.57 23.98
CA TYR A 48 -17.76 10.22 24.45
C TYR A 48 -18.18 8.90 23.81
N PRO A 49 -17.38 7.81 24.02
CA PRO A 49 -17.60 6.56 23.29
C PRO A 49 -18.92 5.88 23.66
N GLU A 50 -19.49 6.26 24.82
CA GLU A 50 -20.74 5.61 25.25
C GLU A 50 -21.91 6.05 24.35
N THR A 51 -21.83 7.23 23.76
CA THR A 51 -22.94 7.81 23.01
C THR A 51 -22.56 8.18 21.56
N ILE A 52 -21.24 8.26 21.24
CA ILE A 52 -20.82 8.74 19.92
C ILE A 52 -19.81 7.76 19.36
N THR A 53 -19.95 7.47 18.05
CA THR A 53 -18.93 6.77 17.29
C THR A 53 -18.18 7.77 16.41
N ASP A 54 -16.85 7.78 16.52
CA ASP A 54 -16.00 8.62 15.69
C ASP A 54 -15.45 7.82 14.49
N TYR A 55 -15.49 8.46 13.31
CA TYR A 55 -15.00 7.89 12.06
C TYR A 55 -13.82 8.71 11.56
N VAL A 56 -12.75 7.98 11.21
CA VAL A 56 -11.46 8.63 10.94
C VAL A 56 -10.90 8.09 9.63
N THR A 57 -10.61 9.00 8.68
CA THR A 57 -10.02 8.56 7.41
C THR A 57 -8.65 9.22 7.27
N LEU A 58 -7.85 8.62 6.39
CA LEU A 58 -6.76 9.38 5.75
C LEU A 58 -7.36 10.06 4.52
N GLN A 59 -7.63 11.38 4.69
CA GLN A 59 -8.33 12.08 3.63
C GLN A 59 -7.40 12.27 2.42
N ARG A 60 -6.14 12.58 2.71
CA ARG A 60 -5.13 12.81 1.67
C ARG A 60 -3.75 12.69 2.28
N GLY A 61 -2.83 12.13 1.47
CA GLY A 61 -1.41 12.14 1.81
C GLY A 61 -0.68 12.75 0.61
N SER A 62 0.22 13.71 0.90
CA SER A 62 0.92 14.51 -0.12
C SER A 62 2.41 14.41 0.19
N ALA A 63 3.22 14.36 -0.88
CA ALA A 63 4.67 14.37 -0.73
C ALA A 63 5.24 15.77 -0.98
N TYR A 64 6.36 16.06 -0.30
CA TYR A 64 7.04 17.34 -0.40
C TYR A 64 8.54 17.10 -0.57
N GLY A 65 9.22 18.13 -1.07
CA GLY A 65 10.66 18.18 -0.95
C GLY A 65 11.35 17.01 -1.64
N GLY A 66 12.27 16.40 -0.88
CA GLY A 66 13.04 15.29 -1.44
C GLY A 66 12.21 14.02 -1.67
N VAL A 67 11.13 13.86 -0.90
CA VAL A 67 10.28 12.70 -1.14
C VAL A 67 9.52 12.88 -2.46
N LEU A 68 8.98 14.10 -2.67
CA LEU A 68 8.26 14.38 -3.90
C LEU A 68 9.20 14.22 -5.11
N SER A 69 10.45 14.68 -4.97
CA SER A 69 11.32 14.68 -6.16
C SER A 69 12.03 13.33 -6.40
N ASN A 70 12.33 12.59 -5.32
CA ASN A 70 13.29 11.48 -5.39
C ASN A 70 12.70 10.11 -5.09
N PHE A 71 11.41 10.06 -4.68
CA PHE A 71 10.83 8.78 -4.24
C PHE A 71 9.51 8.52 -4.96
N SER A 72 9.13 7.23 -5.07
CA SER A 72 7.72 6.91 -5.25
C SER A 72 7.24 6.17 -4.00
N GLY A 73 5.93 6.08 -3.80
CA GLY A 73 5.51 5.64 -2.47
C GLY A 73 4.17 4.91 -2.49
N THR A 74 3.94 4.19 -1.36
CA THR A 74 2.64 3.69 -1.05
C THR A 74 2.40 4.07 0.39
N VAL A 75 1.12 4.10 0.76
CA VAL A 75 0.72 4.30 2.15
C VAL A 75 -0.16 3.11 2.51
N LYS A 76 0.10 2.60 3.73
CA LYS A 76 -0.73 1.58 4.33
C LYS A 76 -1.59 2.25 5.39
N TYR A 77 -2.92 2.13 5.26
CA TYR A 77 -3.84 2.67 6.27
C TYR A 77 -4.75 1.53 6.74
N SER A 78 -4.58 1.15 8.04
CA SER A 78 -5.46 0.15 8.66
C SER A 78 -5.54 -1.13 7.82
N GLY A 79 -4.35 -1.59 7.38
CA GLY A 79 -4.29 -2.91 6.76
C GLY A 79 -4.46 -2.92 5.23
N SER A 80 -4.74 -1.77 4.61
CA SER A 80 -4.92 -1.68 3.17
C SER A 80 -3.84 -0.73 2.62
N SER A 81 -3.38 -1.03 1.40
CA SER A 81 -2.33 -0.25 0.77
C SER A 81 -2.90 0.56 -0.40
N TYR A 82 -2.29 1.76 -0.60
CA TYR A 82 -2.79 2.74 -1.58
C TYR A 82 -1.56 3.44 -2.16
N PRO A 83 -1.70 4.12 -3.32
CA PRO A 83 -0.60 4.98 -3.80
C PRO A 83 -0.36 6.13 -2.83
N PHE A 84 0.94 6.55 -2.82
CA PHE A 84 1.27 7.77 -2.11
C PHE A 84 2.17 8.60 -3.01
N PRO A 85 1.88 9.88 -3.34
CA PRO A 85 0.66 10.61 -2.91
C PRO A 85 -0.65 9.92 -3.24
N THR A 86 -1.65 10.20 -2.40
CA THR A 86 -2.92 9.48 -2.49
C THR A 86 -3.79 9.96 -3.65
N THR A 87 -4.70 9.04 -4.06
CA THR A 87 -5.64 9.36 -5.15
C THR A 87 -7.09 9.53 -4.67
N SER A 88 -7.42 9.19 -3.42
CA SER A 88 -8.77 9.37 -2.88
C SER A 88 -8.70 9.21 -1.37
N GLU A 89 -9.73 9.65 -0.68
CA GLU A 89 -9.89 9.41 0.75
C GLU A 89 -10.14 7.92 0.99
N THR A 90 -9.46 7.41 2.05
CA THR A 90 -9.60 6.00 2.43
C THR A 90 -10.95 5.72 3.08
N PRO A 91 -11.30 4.42 3.22
CA PRO A 91 -12.39 4.03 4.09
C PRO A 91 -12.04 4.49 5.52
N ARG A 92 -13.07 4.44 6.40
CA ARG A 92 -12.97 4.96 7.75
C ARG A 92 -12.52 3.85 8.71
N VAL A 93 -11.80 4.31 9.75
CA VAL A 93 -11.51 3.58 10.97
C VAL A 93 -12.41 4.12 12.07
N VAL A 94 -13.05 3.18 12.82
CA VAL A 94 -13.87 3.57 13.96
C VAL A 94 -12.98 3.78 15.19
N TYR A 95 -13.20 4.89 15.88
CA TYR A 95 -12.64 5.15 17.20
C TYR A 95 -13.78 5.15 18.20
N ASN A 96 -13.66 4.29 19.22
CA ASN A 96 -14.79 3.93 20.09
C ASN A 96 -14.32 3.73 21.53
N SER A 97 -13.22 4.40 21.91
CA SER A 97 -12.68 4.29 23.26
C SER A 97 -11.99 5.59 23.62
N ARG A 98 -11.97 5.90 24.94
CA ARG A 98 -11.22 7.03 25.48
C ARG A 98 -9.74 6.68 25.55
N THR A 99 -9.41 5.39 25.48
CA THR A 99 -8.03 4.94 25.52
C THR A 99 -7.42 5.30 24.17
N ASP A 100 -6.24 5.95 24.20
CA ASP A 100 -5.54 6.29 22.98
C ASP A 100 -5.37 5.05 22.12
N LYS A 101 -5.61 5.21 20.83
CA LYS A 101 -5.35 4.19 19.83
C LYS A 101 -4.48 4.84 18.76
N PRO A 102 -3.44 4.13 18.26
CA PRO A 102 -2.63 4.70 17.17
C PRO A 102 -3.48 5.05 15.94
N TRP A 103 -3.01 6.05 15.19
CA TRP A 103 -3.54 6.30 13.86
C TRP A 103 -2.74 5.40 12.91
N PRO A 104 -3.39 4.40 12.28
CA PRO A 104 -2.62 3.31 11.64
C PRO A 104 -2.18 3.63 10.21
N VAL A 105 -1.23 4.58 10.11
CA VAL A 105 -0.70 5.09 8.85
C VAL A 105 0.80 4.79 8.78
N ALA A 106 1.23 4.21 7.65
CA ALA A 106 2.68 4.03 7.42
C ALA A 106 3.00 4.30 5.94
N LEU A 107 4.11 5.01 5.71
CA LEU A 107 4.52 5.28 4.33
C LEU A 107 5.65 4.32 3.99
N TYR A 108 5.64 3.83 2.76
CA TYR A 108 6.68 2.97 2.17
C TYR A 108 7.23 3.69 0.93
N LEU A 109 8.44 4.22 1.03
CA LEU A 109 8.99 5.12 0.03
C LEU A 109 10.21 4.48 -0.62
N THR A 110 10.23 4.47 -1.96
CA THR A 110 11.31 3.78 -2.65
C THR A 110 11.95 4.77 -3.63
N PRO A 111 13.31 4.89 -3.68
CA PRO A 111 13.97 5.87 -4.53
C PRO A 111 13.70 5.62 -6.01
N VAL A 112 13.49 6.70 -6.75
CA VAL A 112 13.46 6.60 -8.22
C VAL A 112 14.90 6.51 -8.74
N SER A 113 15.09 6.03 -9.98
CA SER A 113 16.43 5.74 -10.50
C SER A 113 17.34 6.97 -10.60
N SER A 114 16.74 8.18 -10.64
CA SER A 114 17.48 9.44 -10.74
C SER A 114 17.96 9.94 -9.37
N ALA A 115 17.46 9.32 -8.28
CA ALA A 115 17.88 9.73 -6.95
C ALA A 115 19.36 9.37 -6.72
N GLY A 116 20.10 10.25 -6.05
CA GLY A 116 21.48 9.96 -5.71
C GLY A 116 21.96 11.05 -4.78
N GLY A 117 22.84 10.70 -3.86
CA GLY A 117 23.34 11.69 -2.93
C GLY A 117 22.29 11.92 -1.84
N VAL A 118 22.24 13.15 -1.31
CA VAL A 118 21.30 13.45 -0.25
C VAL A 118 19.94 13.62 -0.93
N ALA A 119 19.09 12.63 -0.72
CA ALA A 119 17.77 12.55 -1.36
C ALA A 119 16.67 13.15 -0.49
N ILE A 120 16.93 13.23 0.83
CA ILE A 120 16.03 13.91 1.76
C ILE A 120 16.96 14.65 2.74
N LYS A 121 16.71 15.96 2.91
CA LYS A 121 17.54 16.77 3.77
C LYS A 121 16.98 16.74 5.20
N ALA A 122 17.92 16.62 6.15
CA ALA A 122 17.59 16.77 7.57
C ALA A 122 16.75 18.03 7.79
N GLY A 123 15.69 17.89 8.61
CA GLY A 123 14.85 19.01 9.00
C GLY A 123 13.77 19.36 7.97
N SER A 124 13.82 18.76 6.77
CA SER A 124 12.90 19.22 5.71
C SER A 124 11.52 18.57 5.82
N LEU A 125 10.52 19.30 5.29
CA LEU A 125 9.18 18.76 5.15
C LEU A 125 9.20 17.68 4.08
N ILE A 126 8.66 16.49 4.45
CA ILE A 126 8.62 15.38 3.50
C ILE A 126 7.18 14.98 3.11
N ALA A 127 6.19 15.25 3.99
CA ALA A 127 4.84 14.82 3.66
C ALA A 127 3.87 15.62 4.49
N VAL A 128 2.63 15.64 4.00
CA VAL A 128 1.50 16.08 4.83
C VAL A 128 0.44 14.97 4.77
N LEU A 129 -0.02 14.57 5.96
CA LEU A 129 -1.09 13.55 6.05
C LEU A 129 -2.29 14.21 6.74
N ILE A 130 -3.46 14.16 6.04
CA ILE A 130 -4.64 14.83 6.61
C ILE A 130 -5.59 13.75 7.11
N LEU A 131 -5.82 13.82 8.42
CA LEU A 131 -6.78 12.94 9.11
C LEU A 131 -8.11 13.70 9.12
N ARG A 132 -9.19 13.04 8.62
CA ARG A 132 -10.51 13.62 8.63
C ARG A 132 -11.36 12.86 9.65
N GLN A 133 -11.99 13.61 10.56
CA GLN A 133 -12.78 13.02 11.63
C GLN A 133 -14.22 13.51 11.52
N THR A 134 -15.14 12.52 11.49
CA THR A 134 -16.58 12.77 11.58
C THR A 134 -17.15 11.85 12.67
N ASN A 135 -18.48 11.82 12.81
CA ASN A 135 -19.10 10.99 13.82
C ASN A 135 -20.52 10.63 13.36
N ASN A 136 -21.22 9.88 14.22
CA ASN A 136 -22.57 9.41 13.95
C ASN A 136 -23.56 10.18 14.84
N TYR A 137 -23.25 11.45 15.13
CA TYR A 137 -23.93 12.22 16.16
C TYR A 137 -24.37 13.60 15.67
N ASN A 138 -23.46 14.36 15.02
CA ASN A 138 -23.81 15.71 14.61
C ASN A 138 -23.08 16.04 13.30
N SER A 139 -22.97 17.34 12.95
CA SER A 139 -22.41 17.77 11.67
C SER A 139 -20.87 17.86 11.71
N ASP A 140 -20.24 17.50 12.84
CA ASP A 140 -18.80 17.74 12.98
C ASP A 140 -18.00 17.06 11.86
N ASP A 141 -17.09 17.86 11.27
CA ASP A 141 -16.28 17.37 10.15
C ASP A 141 -14.97 18.16 10.19
N PHE A 142 -13.96 17.50 10.81
CA PHE A 142 -12.76 18.20 11.24
C PHE A 142 -11.52 17.59 10.59
N GLN A 143 -10.54 18.45 10.34
CA GLN A 143 -9.25 18.03 9.79
C GLN A 143 -8.17 18.18 10.86
N PHE A 144 -7.36 17.13 10.96
CA PHE A 144 -6.17 17.05 11.80
C PHE A 144 -5.01 16.92 10.80
N VAL A 145 -4.25 18.00 10.65
CA VAL A 145 -3.28 18.09 9.54
C VAL A 145 -1.89 17.87 10.15
N TRP A 146 -1.23 16.77 9.69
CA TRP A 146 0.05 16.36 10.26
C TRP A 146 1.16 16.65 9.21
N ASN A 147 2.05 17.58 9.58
CA ASN A 147 3.17 17.95 8.73
C ASN A 147 4.34 17.08 9.19
N ILE A 148 4.88 16.29 8.23
CA ILE A 148 5.88 15.29 8.56
C ILE A 148 7.25 15.81 8.09
N TYR A 149 8.20 15.84 9.04
CA TYR A 149 9.55 16.40 8.81
C TYR A 149 10.58 15.29 9.06
N ALA A 150 11.60 15.27 8.20
CA ALA A 150 12.74 14.35 8.39
C ALA A 150 13.65 14.83 9.55
N ASN A 151 14.00 13.89 10.45
CA ASN A 151 15.02 14.17 11.46
C ASN A 151 16.40 14.31 10.80
N ASN A 152 16.68 13.47 9.82
CA ASN A 152 18.06 13.29 9.38
C ASN A 152 18.11 13.19 7.86
N ASP A 153 19.32 13.38 7.32
CA ASP A 153 19.58 13.19 5.90
C ASP A 153 19.36 11.72 5.51
N VAL A 154 18.84 11.51 4.30
CA VAL A 154 18.78 10.16 3.73
C VAL A 154 19.59 10.19 2.44
N VAL A 155 20.55 9.27 2.30
CA VAL A 155 21.43 9.22 1.15
C VAL A 155 21.07 7.98 0.32
N VAL A 156 20.98 8.20 -1.01
CA VAL A 156 20.84 7.11 -1.95
C VAL A 156 22.20 6.94 -2.63
N PRO A 157 22.97 5.87 -2.29
CA PRO A 157 24.31 5.68 -2.86
C PRO A 157 24.21 5.72 -4.39
N THR A 158 25.23 6.34 -5.02
CA THR A 158 25.29 6.39 -6.48
C THR A 158 26.11 5.18 -6.97
N PHE B 1 -4.61 4.47 -19.76
CA PHE B 1 -4.29 3.14 -19.18
C PHE B 1 -5.13 2.98 -17.90
N ALA B 2 -5.85 1.86 -17.83
CA ALA B 2 -6.59 1.54 -16.62
C ALA B 2 -6.71 0.02 -16.52
N CYS B 3 -7.19 -0.43 -15.35
CA CYS B 3 -7.27 -1.88 -15.08
C CYS B 3 -8.64 -2.22 -14.47
N LYS B 4 -8.98 -3.50 -14.59
CA LYS B 4 -10.23 -4.00 -14.05
C LYS B 4 -9.98 -5.37 -13.43
N THR B 5 -10.90 -5.78 -12.58
CA THR B 5 -10.84 -7.15 -12.07
C THR B 5 -12.05 -7.94 -12.58
N ALA B 6 -11.89 -9.28 -12.56
CA ALA B 6 -12.98 -10.19 -12.97
C ALA B 6 -14.19 -10.13 -12.01
N ASN B 7 -15.44 -10.20 -12.55
CA ASN B 7 -16.71 -9.77 -11.91
C ASN B 7 -16.62 -8.60 -10.86
N GLY B 8 -15.99 -7.51 -11.29
CA GLY B 8 -15.36 -6.77 -10.24
C GLY B 8 -15.33 -5.26 -10.43
N THR B 9 -14.15 -4.75 -10.25
CA THR B 9 -14.00 -3.34 -10.04
C THR B 9 -13.07 -2.81 -11.14
N ALA B 10 -12.66 -1.55 -10.94
CA ALA B 10 -11.70 -0.95 -11.84
C ALA B 10 -10.84 -0.05 -10.97
N ILE B 11 -9.59 0.09 -11.41
CA ILE B 11 -8.76 1.21 -10.95
C ILE B 11 -8.58 2.07 -12.19
N PRO B 12 -9.06 3.34 -12.14
CA PRO B 12 -9.10 4.15 -13.37
C PRO B 12 -7.76 4.81 -13.70
N ILE B 13 -7.74 5.50 -14.85
CA ILE B 13 -6.61 6.32 -15.27
C ILE B 13 -6.06 7.09 -14.07
N GLY B 14 -4.73 7.02 -13.88
CA GLY B 14 -4.06 7.76 -12.80
C GLY B 14 -3.75 6.85 -11.62
N GLY B 15 -4.28 5.61 -11.66
CA GLY B 15 -4.02 4.65 -10.59
C GLY B 15 -4.91 4.82 -9.36
N GLY B 16 -4.55 4.04 -8.32
CA GLY B 16 -5.43 3.90 -7.17
C GLY B 16 -5.23 2.52 -6.55
N SER B 17 -6.30 2.04 -5.88
CA SER B 17 -6.18 0.85 -5.06
C SER B 17 -7.48 0.06 -5.28
N ALA B 18 -7.35 -1.28 -5.15
CA ALA B 18 -8.54 -2.12 -5.16
C ALA B 18 -8.26 -3.38 -4.36
N ASN B 19 -9.35 -4.07 -4.00
CA ASN B 19 -9.26 -5.35 -3.35
C ASN B 19 -9.64 -6.40 -4.40
N VAL B 20 -8.91 -7.52 -4.33
CA VAL B 20 -9.15 -8.64 -5.22
C VAL B 20 -9.36 -9.88 -4.35
N TYR B 21 -10.47 -10.58 -4.56
CA TYR B 21 -10.84 -11.71 -3.71
C TYR B 21 -10.62 -12.95 -4.60
N VAL B 22 -9.72 -13.85 -4.18
CA VAL B 22 -9.33 -14.96 -5.03
C VAL B 22 -9.69 -16.30 -4.37
N ASN B 23 -10.13 -17.23 -5.20
CA ASN B 23 -10.41 -18.60 -4.78
C ASN B 23 -9.08 -19.36 -4.80
N LEU B 24 -8.80 -20.05 -3.71
CA LEU B 24 -7.56 -20.80 -3.53
C LEU B 24 -7.87 -22.29 -3.40
N ALA B 25 -6.95 -23.11 -3.93
CA ALA B 25 -7.02 -24.54 -3.71
C ALA B 25 -7.29 -24.81 -2.23
N PRO B 26 -8.39 -25.52 -1.86
CA PRO B 26 -8.76 -25.67 -0.43
C PRO B 26 -7.85 -26.53 0.44
N VAL B 27 -7.15 -27.45 -0.21
CA VAL B 27 -6.30 -28.44 0.46
C VAL B 27 -4.97 -28.45 -0.29
N VAL B 28 -3.86 -28.21 0.43
CA VAL B 28 -2.52 -28.23 -0.14
C VAL B 28 -1.60 -28.99 0.82
N ASN B 29 -1.19 -30.23 0.46
CA ASN B 29 -0.29 -30.98 1.33
C ASN B 29 1.10 -30.33 1.35
N VAL B 30 1.86 -30.61 2.42
CA VAL B 30 3.29 -30.30 2.35
C VAL B 30 3.82 -31.01 1.12
N GLY B 31 4.71 -30.34 0.39
CA GLY B 31 5.16 -30.82 -0.92
C GLY B 31 4.28 -30.55 -2.15
N GLN B 32 3.02 -30.06 -1.99
CA GLN B 32 2.16 -29.59 -3.11
C GLN B 32 2.27 -28.06 -3.23
N ASN B 33 1.94 -27.55 -4.42
CA ASN B 33 1.99 -26.12 -4.74
C ASN B 33 0.60 -25.50 -4.71
N LEU B 34 0.54 -24.31 -4.11
CA LEU B 34 -0.62 -23.44 -4.17
C LEU B 34 -0.27 -22.34 -5.18
N VAL B 35 -1.06 -22.29 -6.27
CA VAL B 35 -0.83 -21.29 -7.29
C VAL B 35 -1.91 -20.20 -7.14
N VAL B 36 -1.45 -18.94 -7.06
CA VAL B 36 -2.35 -17.80 -7.02
C VAL B 36 -2.11 -17.03 -8.32
N ASP B 37 -2.96 -17.30 -9.31
CA ASP B 37 -2.76 -16.76 -10.65
C ASP B 37 -3.66 -15.54 -10.82
N LEU B 38 -3.06 -14.34 -10.80
CA LEU B 38 -3.80 -13.09 -10.91
C LEU B 38 -4.08 -12.78 -12.38
N SER B 39 -3.56 -13.56 -13.34
CA SER B 39 -3.75 -13.24 -14.75
C SER B 39 -5.19 -13.50 -15.17
N THR B 40 -5.93 -14.28 -14.37
CA THR B 40 -7.35 -14.51 -14.62
C THR B 40 -8.21 -13.48 -13.86
N GLN B 41 -7.58 -12.61 -13.07
CA GLN B 41 -8.30 -11.70 -12.19
C GLN B 41 -8.10 -10.23 -12.54
N ILE B 42 -6.89 -9.87 -13.03
CA ILE B 42 -6.53 -8.48 -13.22
C ILE B 42 -6.18 -8.29 -14.69
N PHE B 43 -6.88 -7.33 -15.32
CA PHE B 43 -6.72 -7.07 -16.75
C PHE B 43 -6.51 -5.57 -16.93
N CYS B 44 -5.61 -5.19 -17.83
N CYS B 44 -5.62 -5.21 -17.88
CA CYS B 44 -5.37 -3.77 -18.08
CA CYS B 44 -5.32 -3.81 -18.12
C CYS B 44 -5.44 -3.48 -19.58
C CYS B 44 -5.45 -3.50 -19.61
N HIS B 45 -5.55 -2.20 -19.93
CA HIS B 45 -5.55 -1.78 -21.33
C HIS B 45 -4.89 -0.42 -21.47
N ASN B 46 -4.46 -0.13 -22.71
CA ASN B 46 -3.93 1.15 -23.16
C ASN B 46 -5.09 1.93 -23.79
N ASP B 47 -5.25 3.21 -23.39
CA ASP B 47 -6.38 4.01 -23.87
C ASP B 47 -6.16 4.70 -25.21
N TYR B 48 -4.88 4.83 -25.62
CA TYR B 48 -4.51 5.61 -26.81
C TYR B 48 -3.40 4.86 -27.54
N PRO B 49 -3.64 3.58 -27.94
CA PRO B 49 -2.55 2.71 -28.39
C PRO B 49 -2.00 3.21 -29.73
N GLU B 50 -2.81 4.00 -30.46
CA GLU B 50 -2.37 4.48 -31.77
C GLU B 50 -1.23 5.48 -31.62
N THR B 51 -1.14 6.18 -30.47
CA THR B 51 -0.15 7.22 -30.23
C THR B 51 0.78 6.99 -29.03
N ILE B 52 0.43 6.08 -28.09
CA ILE B 52 1.19 5.91 -26.85
C ILE B 52 1.47 4.42 -26.60
N THR B 53 2.66 4.11 -26.03
CA THR B 53 3.01 2.79 -25.55
C THR B 53 3.05 2.83 -24.02
N ASP B 54 2.30 1.94 -23.36
CA ASP B 54 2.30 1.84 -21.90
C ASP B 54 3.25 0.73 -21.43
N TYR B 55 4.04 1.03 -20.38
CA TYR B 55 5.06 0.17 -19.79
C TYR B 55 4.58 -0.21 -18.36
N VAL B 56 4.52 -1.51 -18.03
CA VAL B 56 3.91 -1.99 -16.78
C VAL B 56 4.84 -2.95 -16.06
N THR B 57 5.20 -2.63 -14.81
CA THR B 57 6.03 -3.55 -14.02
C THR B 57 5.26 -4.03 -12.79
N LEU B 58 5.71 -5.17 -12.25
CA LEU B 58 5.45 -5.47 -10.85
C LEU B 58 6.55 -4.76 -10.03
N GLN B 59 6.18 -3.60 -9.45
CA GLN B 59 7.17 -2.83 -8.71
C GLN B 59 7.56 -3.57 -7.43
N ARG B 60 6.57 -4.17 -6.77
CA ARG B 60 6.80 -4.89 -5.52
C ARG B 60 5.64 -5.85 -5.26
N GLY B 61 5.99 -7.04 -4.75
CA GLY B 61 5.00 -7.98 -4.19
C GLY B 61 5.39 -8.34 -2.75
N SER B 62 4.42 -8.21 -1.84
CA SER B 62 4.56 -8.43 -0.41
C SER B 62 3.56 -9.50 0.04
N ALA B 63 3.97 -10.32 1.03
CA ALA B 63 3.12 -11.36 1.58
C ALA B 63 2.56 -10.92 2.93
N TYR B 64 1.36 -11.47 3.25
CA TYR B 64 0.71 -11.16 4.53
C TYR B 64 0.08 -12.42 5.09
N GLY B 65 -0.25 -12.33 6.41
CA GLY B 65 -1.11 -13.33 7.02
C GLY B 65 -0.51 -14.72 6.89
N GLY B 66 -1.37 -15.67 6.53
CA GLY B 66 -0.95 -17.06 6.41
C GLY B 66 0.04 -17.32 5.28
N VAL B 67 0.02 -16.51 4.23
CA VAL B 67 1.01 -16.70 3.17
C VAL B 67 2.39 -16.32 3.69
N LEU B 68 2.48 -15.16 4.39
CA LEU B 68 3.73 -14.71 4.97
C LEU B 68 4.25 -15.77 5.95
N SER B 69 3.37 -16.32 6.79
CA SER B 69 3.90 -17.13 7.89
C SER B 69 4.06 -18.61 7.50
N ASN B 70 3.20 -19.14 6.60
CA ASN B 70 3.06 -20.59 6.45
C ASN B 70 3.49 -21.13 5.09
N PHE B 71 3.88 -20.20 4.16
CA PHE B 71 4.25 -20.59 2.82
C PHE B 71 5.57 -19.95 2.42
N SER B 72 6.28 -20.59 1.51
CA SER B 72 7.37 -19.89 0.83
C SER B 72 7.10 -19.94 -0.68
N GLY B 73 7.81 -19.13 -1.44
CA GLY B 73 7.71 -19.35 -2.87
C GLY B 73 8.23 -18.22 -3.74
N THR B 74 7.71 -18.14 -4.97
CA THR B 74 8.18 -17.22 -5.97
C THR B 74 7.00 -16.52 -6.63
N VAL B 75 7.30 -15.47 -7.42
CA VAL B 75 6.32 -14.83 -8.26
C VAL B 75 6.83 -14.98 -9.69
N LYS B 76 5.92 -15.40 -10.57
CA LYS B 76 6.19 -15.44 -12.01
C LYS B 76 5.54 -14.20 -12.62
N TYR B 77 6.36 -13.38 -13.33
CA TYR B 77 5.86 -12.22 -14.04
C TYR B 77 6.28 -12.33 -15.51
N SER B 78 5.28 -12.44 -16.40
CA SER B 78 5.52 -12.49 -17.85
C SER B 78 6.61 -13.52 -18.20
N GLY B 79 6.47 -14.71 -17.62
CA GLY B 79 7.26 -15.87 -18.02
C GLY B 79 8.54 -16.07 -17.23
N SER B 80 8.93 -15.10 -16.38
CA SER B 80 10.16 -15.19 -15.60
C SER B 80 9.82 -15.30 -14.12
N SER B 81 10.63 -16.05 -13.36
CA SER B 81 10.40 -16.22 -11.93
C SER B 81 11.36 -15.35 -11.10
N TYR B 82 10.84 -14.90 -9.94
CA TYR B 82 11.55 -14.00 -9.05
C TYR B 82 11.21 -14.37 -7.61
N PRO B 83 12.07 -14.02 -6.63
CA PRO B 83 11.71 -14.19 -5.21
C PRO B 83 10.38 -13.51 -4.88
N PHE B 84 9.61 -14.17 -4.00
CA PHE B 84 8.45 -13.54 -3.41
C PHE B 84 8.47 -13.79 -1.91
N PRO B 85 8.38 -12.77 -1.02
CA PRO B 85 8.33 -11.33 -1.39
C PRO B 85 9.46 -10.85 -2.29
N THR B 86 9.17 -9.81 -3.08
CA THR B 86 10.09 -9.35 -4.13
C THR B 86 11.23 -8.53 -3.52
N THR B 87 12.36 -8.43 -4.27
CA THR B 87 13.56 -7.72 -3.87
C THR B 87 13.95 -6.69 -4.93
N SER B 88 13.25 -6.67 -6.06
CA SER B 88 13.47 -5.63 -7.06
C SER B 88 12.23 -5.52 -7.94
N GLU B 89 12.13 -4.39 -8.65
CA GLU B 89 11.08 -4.20 -9.64
C GLU B 89 11.42 -5.07 -10.86
N THR B 90 10.40 -5.69 -11.46
CA THR B 90 10.56 -6.54 -12.64
C THR B 90 10.85 -5.70 -13.89
N PRO B 91 11.25 -6.38 -14.99
CA PRO B 91 11.19 -5.79 -16.34
C PRO B 91 9.76 -5.36 -16.61
N ARG B 92 9.63 -4.60 -17.68
CA ARG B 92 8.37 -4.04 -18.11
C ARG B 92 7.66 -4.99 -19.08
N VAL B 93 6.34 -4.96 -19.04
CA VAL B 93 5.44 -5.53 -20.04
C VAL B 93 4.81 -4.36 -20.79
N VAL B 94 4.81 -4.45 -22.14
CA VAL B 94 4.15 -3.47 -22.98
C VAL B 94 2.64 -3.73 -23.07
N TYR B 95 1.83 -2.68 -22.89
CA TYR B 95 0.40 -2.68 -23.20
C TYR B 95 0.17 -1.74 -24.40
N ASN B 96 -0.51 -2.23 -25.47
CA ASN B 96 -0.53 -1.55 -26.77
C ASN B 96 -1.85 -1.77 -27.51
N SER B 97 -2.92 -2.03 -26.78
CA SER B 97 -4.25 -2.29 -27.34
C SER B 97 -5.27 -1.83 -26.31
N ARG B 98 -6.45 -1.43 -26.81
CA ARG B 98 -7.58 -1.07 -25.97
C ARG B 98 -8.26 -2.33 -25.42
N THR B 99 -7.96 -3.49 -26.03
CA THR B 99 -8.56 -4.76 -25.63
C THR B 99 -7.89 -5.16 -24.32
N ASP B 100 -8.69 -5.49 -23.31
CA ASP B 100 -8.18 -5.95 -22.01
C ASP B 100 -7.16 -7.07 -22.23
N LYS B 101 -5.99 -6.94 -21.59
CA LYS B 101 -4.96 -7.99 -21.60
C LYS B 101 -4.65 -8.35 -20.15
N PRO B 102 -4.49 -9.64 -19.78
CA PRO B 102 -4.15 -10.00 -18.39
C PRO B 102 -2.88 -9.29 -17.91
N TRP B 103 -2.84 -9.05 -16.60
CA TRP B 103 -1.60 -8.70 -15.92
C TRP B 103 -0.94 -10.02 -15.52
N PRO B 104 0.24 -10.37 -16.11
CA PRO B 104 0.71 -11.76 -16.05
C PRO B 104 1.54 -12.06 -14.80
N VAL B 105 0.86 -12.01 -13.64
CA VAL B 105 1.44 -12.24 -12.32
C VAL B 105 0.80 -13.48 -11.73
N ALA B 106 1.66 -14.39 -11.21
CA ALA B 106 1.15 -15.54 -10.46
C ALA B 106 2.09 -15.82 -9.30
N LEU B 107 1.54 -16.18 -8.14
CA LEU B 107 2.37 -16.62 -7.02
C LEU B 107 2.39 -18.14 -7.02
N TYR B 108 3.59 -18.68 -6.79
CA TYR B 108 3.85 -20.10 -6.65
C TYR B 108 4.33 -20.35 -5.22
N LEU B 109 3.43 -20.93 -4.40
CA LEU B 109 3.60 -21.02 -2.96
C LEU B 109 3.58 -22.50 -2.54
N THR B 110 4.41 -22.83 -1.54
CA THR B 110 4.41 -24.18 -1.04
C THR B 110 4.45 -24.10 0.48
N PRO B 111 3.68 -24.95 1.21
CA PRO B 111 3.68 -24.91 2.68
C PRO B 111 5.09 -25.11 3.26
N VAL B 112 5.39 -24.36 4.31
CA VAL B 112 6.57 -24.69 5.12
C VAL B 112 6.36 -26.03 5.84
N SER B 113 7.48 -26.69 6.21
CA SER B 113 7.39 -28.11 6.53
C SER B 113 6.64 -28.36 7.85
N SER B 114 6.53 -27.30 8.69
CA SER B 114 5.86 -27.36 9.97
C SER B 114 4.40 -26.95 9.85
N ALA B 115 3.94 -26.49 8.67
CA ALA B 115 2.54 -26.04 8.54
C ALA B 115 1.59 -27.25 8.60
N GLY B 116 0.43 -27.05 9.21
CA GLY B 116 -0.65 -28.05 9.26
C GLY B 116 -1.93 -27.36 9.68
N GLY B 117 -3.07 -27.94 9.28
CA GLY B 117 -4.37 -27.35 9.63
C GLY B 117 -4.60 -26.11 8.81
N VAL B 118 -5.30 -25.13 9.37
CA VAL B 118 -5.73 -23.98 8.59
C VAL B 118 -4.50 -23.08 8.42
N ALA B 119 -3.98 -23.03 7.21
CA ALA B 119 -2.74 -22.27 6.93
C ALA B 119 -3.02 -20.87 6.35
N ILE B 120 -4.19 -20.69 5.73
CA ILE B 120 -4.67 -19.39 5.26
C ILE B 120 -6.14 -19.31 5.64
N LYS B 121 -6.54 -18.22 6.32
CA LYS B 121 -7.92 -18.08 6.78
C LYS B 121 -8.72 -17.37 5.71
N ALA B 122 -9.94 -17.87 5.48
CA ALA B 122 -10.92 -17.20 4.64
C ALA B 122 -11.04 -15.73 4.98
N GLY B 123 -11.02 -14.91 3.91
CA GLY B 123 -11.23 -13.47 4.03
C GLY B 123 -9.97 -12.69 4.36
N SER B 124 -8.86 -13.40 4.65
CA SER B 124 -7.66 -12.69 5.11
C SER B 124 -6.88 -12.12 3.92
N LEU B 125 -6.16 -11.03 4.22
CA LEU B 125 -5.21 -10.46 3.28
C LEU B 125 -4.04 -11.44 3.14
N ILE B 126 -3.71 -11.75 1.88
CA ILE B 126 -2.58 -12.64 1.62
C ILE B 126 -1.41 -11.95 0.89
N ALA B 127 -1.65 -10.86 0.17
CA ALA B 127 -0.57 -10.25 -0.59
C ALA B 127 -0.97 -8.83 -0.94
N VAL B 128 0.07 -8.01 -1.22
CA VAL B 128 -0.17 -6.73 -1.91
C VAL B 128 0.79 -6.74 -3.10
N LEU B 129 0.21 -6.43 -4.27
CA LEU B 129 0.98 -6.37 -5.52
C LEU B 129 0.86 -4.96 -6.06
N ILE B 130 2.01 -4.32 -6.33
CA ILE B 130 2.00 -2.97 -6.85
C ILE B 130 2.35 -3.03 -8.32
N LEU B 131 1.39 -2.60 -9.13
CA LEU B 131 1.61 -2.48 -10.57
C LEU B 131 2.00 -1.02 -10.83
N ARG B 132 3.14 -0.83 -11.50
CA ARG B 132 3.61 0.52 -11.82
C ARG B 132 3.49 0.73 -13.33
N GLN B 133 2.83 1.83 -13.74
CA GLN B 133 2.60 2.09 -15.16
C GLN B 133 3.26 3.43 -15.52
N THR B 134 4.05 3.37 -16.61
CA THR B 134 4.62 4.54 -17.28
C THR B 134 4.28 4.47 -18.76
N ASN B 135 4.85 5.37 -19.58
CA ASN B 135 4.63 5.36 -21.03
C ASN B 135 5.82 5.97 -21.76
N ASN B 136 5.69 6.07 -23.08
CA ASN B 136 6.73 6.66 -23.92
C ASN B 136 6.27 8.02 -24.47
N TYR B 137 5.51 8.75 -23.67
CA TYR B 137 4.70 9.88 -24.15
C TYR B 137 4.81 11.10 -23.24
N ASN B 138 4.66 10.87 -21.93
CA ASN B 138 4.76 11.99 -20.99
C ASN B 138 5.44 11.50 -19.72
N SER B 139 5.31 12.23 -18.60
CA SER B 139 6.02 11.90 -17.36
C SER B 139 5.15 11.01 -16.44
N ASP B 140 4.00 10.53 -16.94
CA ASP B 140 3.09 9.77 -16.08
C ASP B 140 3.80 8.57 -15.45
N ASP B 141 3.56 8.41 -14.13
CA ASP B 141 4.15 7.34 -13.36
C ASP B 141 3.17 6.99 -12.25
N PHE B 142 2.35 5.97 -12.53
CA PHE B 142 1.17 5.73 -11.68
C PHE B 142 1.23 4.33 -11.04
N GLN B 143 0.76 4.24 -9.80
CA GLN B 143 0.66 2.97 -9.08
C GLN B 143 -0.80 2.51 -9.00
N PHE B 144 -0.94 1.21 -9.27
CA PHE B 144 -2.20 0.47 -9.21
C PHE B 144 -1.93 -0.57 -8.16
N VAL B 145 -2.58 -0.39 -6.99
CA VAL B 145 -2.23 -1.17 -5.79
C VAL B 145 -3.31 -2.22 -5.57
N TRP B 146 -2.90 -3.50 -5.64
CA TRP B 146 -3.85 -4.62 -5.54
C TRP B 146 -3.68 -5.33 -4.21
N ASN B 147 -4.73 -5.22 -3.37
CA ASN B 147 -4.78 -5.90 -2.08
C ASN B 147 -5.50 -7.23 -2.32
N ILE B 148 -4.76 -8.35 -2.12
CA ILE B 148 -5.24 -9.66 -2.51
C ILE B 148 -5.70 -10.41 -1.26
N TYR B 149 -6.96 -10.89 -1.30
CA TYR B 149 -7.57 -11.58 -0.16
C TYR B 149 -7.94 -12.99 -0.59
N ALA B 150 -7.76 -13.92 0.36
CA ALA B 150 -8.25 -15.30 0.19
C ALA B 150 -9.77 -15.32 0.36
N ASN B 151 -10.49 -16.00 -0.57
CA ASN B 151 -11.92 -16.18 -0.40
C ASN B 151 -12.24 -17.36 0.52
N ASN B 152 -11.30 -18.26 0.75
CA ASN B 152 -11.63 -19.50 1.46
C ASN B 152 -10.40 -19.91 2.28
N ASP B 153 -10.65 -20.76 3.28
CA ASP B 153 -9.59 -21.38 4.04
C ASP B 153 -8.75 -22.25 3.12
N VAL B 154 -7.44 -22.31 3.39
CA VAL B 154 -6.58 -23.31 2.78
C VAL B 154 -6.02 -24.16 3.92
N VAL B 155 -6.24 -25.48 3.80
CA VAL B 155 -5.79 -26.42 4.82
C VAL B 155 -4.59 -27.19 4.28
N VAL B 156 -3.59 -27.37 5.15
CA VAL B 156 -2.46 -28.26 4.88
C VAL B 156 -2.70 -29.54 5.69
N PRO B 157 -3.12 -30.65 5.05
CA PRO B 157 -3.39 -31.89 5.76
C PRO B 157 -2.14 -32.41 6.48
N THR B 158 -2.39 -33.14 7.54
CA THR B 158 -1.37 -33.69 8.44
C THR B 158 -1.50 -35.23 8.50
C1 NAG C . -30.11 14.64 26.80
C2 NAG C . -29.25 13.31 26.53
C3 NAG C . -27.85 13.62 27.09
C4 NAG C . -27.23 14.79 26.35
C5 NAG C . -28.11 16.01 26.63
C6 NAG C . -27.60 17.23 25.96
C7 NAG C . -30.93 11.53 26.78
C8 NAG C . -31.52 10.40 27.49
N2 NAG C . -29.90 12.17 27.38
O1 NAG C . -31.30 14.45 26.47
O3 NAG C . -27.12 12.41 26.75
O4 NAG C . -25.88 14.94 26.81
O5 NAG C . -29.52 15.80 26.23
O6 NAG C . -28.36 17.91 25.10
O7 NAG C . -31.30 11.71 25.67
C1 NAG C . -24.88 15.32 25.85
C2 NAG C . -23.93 16.43 26.35
C3 NAG C . -22.86 16.78 25.30
C4 NAG C . -22.24 15.54 24.64
C5 NAG C . -23.21 14.37 24.45
C6 NAG C . -22.48 13.07 24.30
C7 NAG C . -24.71 17.86 28.18
C8 NAG C . -25.36 19.16 28.56
N2 NAG C . -24.49 17.66 26.87
O3 NAG C . -21.84 17.52 25.97
O4 NAG C . -21.67 15.89 23.37
O5 NAG C . -24.13 14.15 25.56
O6 NAG C . -23.09 12.34 23.28
O7 NAG C . -24.38 17.03 29.03
C1 BMA C . -20.30 16.22 23.56
C2 BMA C . -19.65 15.97 22.23
C3 BMA C . -18.19 16.43 22.27
C4 BMA C . -18.02 17.86 22.79
C5 BMA C . -18.72 17.98 24.16
C6 BMA C . -18.70 19.39 24.69
O2 BMA C . -20.32 16.71 21.22
O3 BMA C . -17.76 16.33 20.92
O4 BMA C . -16.67 18.20 22.93
O5 BMA C . -20.09 17.58 23.99
O6 BMA C . -19.39 19.41 25.96
C1 MAN C . -16.37 16.00 20.75
C2 MAN C . -15.99 16.35 19.32
C3 MAN C . -16.78 15.44 18.35
C4 MAN C . -16.52 13.96 18.68
C5 MAN C . -16.87 13.67 20.16
C6 MAN C . -16.55 12.26 20.59
O2 MAN C . -14.58 16.14 19.15
O3 MAN C . -16.36 15.67 17.00
O4 MAN C . -17.37 13.13 17.86
O5 MAN C . -16.10 14.56 21.00
O6 MAN C . -15.16 12.02 20.38
C1 MAN C . -19.14 20.55 26.75
C2 MAN C . -19.83 20.25 28.06
C3 MAN C . -21.35 20.40 28.00
C4 MAN C . -21.77 21.63 27.24
C5 MAN C . -21.06 21.76 25.91
C6 MAN C . -21.39 23.09 25.28
O2 MAN C . -19.22 21.05 29.06
O3 MAN C . -21.87 20.52 29.32
O4 MAN C . -23.10 21.44 26.90
O5 MAN C . -19.62 21.69 26.07
O6 MAN C . -20.71 23.24 24.06
C1 FUC C . -27.75 17.79 23.79
C2 FUC C . -28.83 17.73 22.71
C3 FUC C . -29.48 19.10 22.59
C4 FUC C . -28.43 20.11 22.17
C5 FUC C . -27.29 20.13 23.19
C6 FUC C . -26.10 20.96 22.74
O2 FUC C . -29.75 16.68 22.98
O3 FUC C . -30.57 19.08 21.67
O4 FUC C . -27.94 19.84 20.85
O5 FUC C . -26.78 18.79 23.44
C1 NAG D . -1.41 17.26 -32.24
C2 NAG D . -0.82 15.93 -31.78
C3 NAG D . -1.76 15.26 -30.78
C4 NAG D . -2.12 16.21 -29.66
C5 NAG D . -2.79 17.41 -30.30
C6 NAG D . -3.24 18.46 -29.34
C7 NAG D . 0.36 15.08 -33.71
C8 NAG D . 0.14 15.26 -35.19
N2 NAG D . -0.72 15.08 -32.94
O1 NAG D . -0.48 18.03 -32.97
O3 NAG D . -1.32 14.01 -30.26
O4 NAG D . -3.13 15.52 -28.90
O5 NAG D . -1.81 18.06 -31.13
O6 NAG D . -3.18 19.71 -30.03
O7 NAG D . 1.49 14.94 -33.21
C1 NAG D . -2.85 14.90 -27.66
C2 NAG D . -4.09 15.13 -26.80
C3 NAG D . -4.00 14.32 -25.49
C4 NAG D . -3.71 12.84 -25.69
C5 NAG D . -2.64 12.63 -26.74
C6 NAG D . -2.77 11.19 -27.25
C7 NAG D . -5.31 17.24 -27.00
C8 NAG D . -5.51 18.61 -26.45
N2 NAG D . -4.33 16.51 -26.44
O3 NAG D . -5.24 14.42 -24.78
O4 NAG D . -3.22 12.18 -24.48
O5 NAG D . -2.86 13.48 -27.89
O6 NAG D . -1.52 10.62 -27.45
O7 NAG D . -6.00 16.80 -27.93
C1 BMA D . -4.12 11.49 -23.67
C2 BMA D . -3.34 10.63 -22.72
C3 BMA D . -4.27 9.92 -21.77
C4 BMA D . -5.23 10.91 -21.07
C5 BMA D . -5.93 11.80 -22.07
C6 BMA D . -6.71 12.91 -21.36
O2 BMA D . -2.44 11.46 -21.98
O3 BMA D . -3.47 9.27 -20.77
O4 BMA D . -6.21 10.17 -20.31
O5 BMA D . -4.93 12.43 -22.94
O6 BMA D . -6.95 13.98 -22.23
C1 MAN D . -3.96 8.06 -20.25
C2 MAN D . -3.08 7.81 -19.02
C3 MAN D . -1.59 7.60 -19.48
C4 MAN D . -1.52 6.47 -20.48
C5 MAN D . -2.46 6.75 -21.69
C6 MAN D . -2.56 5.56 -22.63
O2 MAN D . -3.58 6.65 -18.36
O3 MAN D . -0.79 7.33 -18.33
O4 MAN D . -0.17 6.33 -20.98
O5 MAN D . -3.83 7.04 -21.23
O6 MAN D . -3.00 4.38 -21.99
C1 MAN D . -8.00 14.80 -21.71
C2 MAN D . -8.59 15.69 -22.80
C3 MAN D . -7.50 16.65 -23.27
C4 MAN D . -6.91 17.43 -22.09
C5 MAN D . -6.40 16.46 -21.02
C6 MAN D . -5.91 17.14 -19.77
O2 MAN D . -9.71 16.34 -22.23
O3 MAN D . -7.99 17.54 -24.25
O4 MAN D . -5.82 18.26 -22.53
O5 MAN D . -7.49 15.60 -20.65
O6 MAN D . -5.75 16.18 -18.73
C1 FUC D . -4.43 20.01 -30.67
C2 FUC D . -4.67 21.47 -30.35
C3 FUC D . -3.70 22.35 -31.16
C4 FUC D . -3.74 21.99 -32.66
C5 FUC D . -3.51 20.50 -32.86
C6 FUC D . -3.67 20.08 -34.30
O2 FUC D . -4.54 21.68 -28.94
O3 FUC D . -3.99 23.73 -30.96
O4 FUC D . -4.98 22.38 -33.23
O5 FUC D . -4.50 19.76 -32.09
NI NI E . -10.05 13.69 25.46
S SO4 F . -9.07 17.04 -0.18
O1 SO4 F . -10.19 16.28 0.62
O2 SO4 F . -8.73 16.04 -1.50
O3 SO4 F . -7.69 17.16 0.75
O4 SO4 F . -9.65 18.55 -0.57
NI NI G . -10.11 2.69 -21.22
#